data_3VKO
#
_entry.id   3VKO
#
_cell.length_a   54.710
_cell.length_b   61.500
_cell.length_c   84.070
_cell.angle_alpha   90.00
_cell.angle_beta   90.00
_cell.angle_gamma   90.00
#
_symmetry.space_group_name_H-M   'P 21 21 21'
#
loop_
_entity.id
_entity.type
_entity.pdbx_description
1 polymer Galectin-8
2 branched 'N-acetyl-alpha-neuraminic acid-(2-3)-beta-D-galactopyranose-(1-4)-2-acetamido-2-deoxy-beta-D-glucopyranose'
3 non-polymer 'CHLORIDE ION'
4 water water
#
_entity_poly.entity_id   1
_entity_poly.type   'polypeptide(L)'
_entity_poly.pdbx_seq_one_letter_code
;MMLSLNNLQNIIYNPVIPFVGTIPDQLDPGTLIVIRGHVPSDADRFQVDLQNGSSMKPRADVAFHFNPRFKRAGCIVCNT
LINEKWGREEITYDTPFKREKSFEIVIMVLKDKFQVAVNGKHTLLYGHRIGPEKIDTLGIYGKVNIHSIGFSF
;
_entity_poly.pdbx_strand_id   A,B
#
# COMPACT_ATOMS: atom_id res chain seq x y z
N ASN A 7 -6.29 16.53 -11.03
CA ASN A 7 -7.52 15.80 -10.61
C ASN A 7 -7.18 14.91 -9.41
N LEU A 8 -7.96 13.85 -9.22
CA LEU A 8 -7.75 12.95 -8.09
C LEU A 8 -6.82 11.78 -8.42
N GLN A 9 -5.74 11.66 -7.67
CA GLN A 9 -4.79 10.59 -7.86
C GLN A 9 -4.76 9.68 -6.64
N ASN A 10 -5.50 8.58 -6.71
CA ASN A 10 -5.56 7.63 -5.62
C ASN A 10 -4.18 6.99 -5.42
N ILE A 11 -3.76 6.83 -4.17
CA ILE A 11 -2.46 6.21 -3.88
C ILE A 11 -2.61 4.74 -3.47
N ILE A 12 -3.84 4.28 -3.29
CA ILE A 12 -4.10 2.89 -2.91
C ILE A 12 -5.58 2.57 -2.77
N TYR A 13 -5.94 1.32 -3.09
CA TYR A 13 -7.31 0.84 -3.00
C TYR A 13 -7.38 -0.33 -2.03
N ASN A 14 -8.52 -0.45 -1.35
CA ASN A 14 -8.75 -1.54 -0.40
C ASN A 14 -7.50 -1.87 0.39
N PRO A 15 -6.87 -0.86 0.99
CA PRO A 15 -5.66 -1.13 1.76
C PRO A 15 -5.96 -1.87 3.05
N VAL A 16 -5.02 -2.72 3.48
CA VAL A 16 -5.15 -3.46 4.72
C VAL A 16 -5.05 -2.44 5.85
N ILE A 17 -5.92 -2.57 6.85
CA ILE A 17 -5.90 -1.65 7.99
C ILE A 17 -5.23 -2.33 9.17
N PRO A 18 -4.37 -1.61 9.91
CA PRO A 18 -3.94 -0.22 9.77
C PRO A 18 -3.10 0.11 8.54
N PHE A 19 -3.42 1.23 7.90
CA PHE A 19 -2.68 1.67 6.73
C PHE A 19 -1.89 2.92 7.06
N VAL A 20 -0.64 2.94 6.62
CA VAL A 20 0.22 4.09 6.81
C VAL A 20 0.90 4.34 5.48
N GLY A 21 0.58 5.46 4.85
CA GLY A 21 1.19 5.76 3.56
C GLY A 21 1.76 7.16 3.49
N THR A 22 2.70 7.35 2.58
CA THR A 22 3.32 8.65 2.38
C THR A 22 2.49 9.47 1.38
N ILE A 23 2.33 10.76 1.66
CA ILE A 23 1.57 11.64 0.79
C ILE A 23 2.52 12.15 -0.32
N PRO A 24 2.17 11.88 -1.58
CA PRO A 24 2.96 12.26 -2.77
C PRO A 24 3.33 13.74 -2.94
N ASP A 25 2.50 14.64 -2.47
CA ASP A 25 2.79 16.05 -2.61
C ASP A 25 2.38 16.85 -1.37
N GLN A 26 2.91 18.06 -1.26
CA GLN A 26 2.59 18.88 -0.11
C GLN A 26 1.13 19.32 -0.07
N LEU A 27 0.55 19.28 1.11
CA LEU A 27 -0.84 19.68 1.29
C LEU A 27 -0.97 21.19 1.27
N ASP A 28 -0.88 21.77 0.08
CA ASP A 28 -1.00 23.22 -0.08
C ASP A 28 -2.48 23.59 -0.04
N PRO A 29 -2.79 24.82 0.40
CA PRO A 29 -4.21 25.21 0.43
C PRO A 29 -4.81 24.87 -0.92
N GLY A 30 -6.00 24.26 -0.91
CA GLY A 30 -6.64 23.89 -2.16
C GLY A 30 -6.61 22.39 -2.36
N THR A 31 -5.73 21.72 -1.64
CA THR A 31 -5.59 20.27 -1.73
C THR A 31 -6.76 19.52 -1.11
N LEU A 32 -7.24 18.49 -1.80
CA LEU A 32 -8.35 17.69 -1.28
C LEU A 32 -7.86 16.28 -0.99
N ILE A 33 -8.41 15.69 0.07
CA ILE A 33 -8.07 14.32 0.43
C ILE A 33 -9.40 13.58 0.43
N VAL A 34 -9.52 12.60 -0.45
CA VAL A 34 -10.76 11.83 -0.54
C VAL A 34 -10.58 10.40 -0.06
N ILE A 35 -11.39 10.04 0.93
CA ILE A 35 -11.33 8.70 1.50
C ILE A 35 -12.70 8.04 1.48
N ARG A 36 -12.79 6.92 0.77
CA ARG A 36 -14.05 6.18 0.70
C ARG A 36 -13.93 4.91 1.51
N GLY A 37 -14.93 4.63 2.34
CA GLY A 37 -14.86 3.44 3.16
C GLY A 37 -16.20 2.94 3.65
N HIS A 38 -16.16 2.09 4.68
CA HIS A 38 -17.36 1.50 5.27
C HIS A 38 -17.08 1.17 6.73
N VAL A 39 -18.06 1.41 7.60
CA VAL A 39 -17.90 1.14 9.03
C VAL A 39 -18.51 -0.21 9.38
N PRO A 40 -17.69 -1.17 9.84
CA PRO A 40 -18.20 -2.49 10.20
C PRO A 40 -19.19 -2.38 11.36
N SER A 41 -20.11 -3.33 11.45
CA SER A 41 -21.14 -3.33 12.49
C SER A 41 -20.65 -3.42 13.92
N ASP A 42 -19.47 -4.00 14.11
CA ASP A 42 -18.92 -4.15 15.46
C ASP A 42 -17.94 -3.03 15.77
N ALA A 43 -17.93 -1.98 14.96
CA ALA A 43 -16.99 -0.88 15.13
C ALA A 43 -17.21 -0.02 16.37
N ASP A 44 -16.12 0.21 17.10
CA ASP A 44 -16.18 1.04 18.28
C ASP A 44 -15.68 2.43 17.89
N ARG A 45 -14.64 2.45 17.04
CA ARG A 45 -14.06 3.70 16.59
C ARG A 45 -12.99 3.46 15.54
N PHE A 46 -12.57 4.53 14.87
CA PHE A 46 -11.51 4.45 13.88
C PHE A 46 -10.96 5.86 13.71
N GLN A 47 -9.78 5.99 13.13
CA GLN A 47 -9.19 7.31 12.97
C GLN A 47 -8.40 7.47 11.70
N VAL A 48 -8.37 8.72 11.25
CA VAL A 48 -7.61 9.13 10.08
C VAL A 48 -6.67 10.18 10.67
N ASP A 49 -5.37 9.95 10.56
CA ASP A 49 -4.40 10.90 11.10
C ASP A 49 -3.44 11.46 10.04
N LEU A 50 -3.37 12.79 9.95
CA LEU A 50 -2.44 13.41 9.03
C LEU A 50 -1.21 13.55 9.90
N GLN A 51 -0.13 12.87 9.51
CA GLN A 51 1.09 12.86 10.33
C GLN A 51 2.35 13.49 9.74
N ASN A 52 3.31 13.75 10.61
CA ASN A 52 4.60 14.31 10.22
C ASN A 52 5.55 13.11 10.37
N GLY A 53 5.70 12.33 9.29
CA GLY A 53 6.55 11.16 9.36
C GLY A 53 5.74 9.94 9.81
N SER A 54 6.34 8.77 9.78
CA SER A 54 5.63 7.56 10.19
C SER A 54 6.36 6.83 11.32
N SER A 55 6.99 7.59 12.21
CA SER A 55 7.70 7.01 13.33
C SER A 55 6.73 6.48 14.37
N MET A 56 7.01 5.29 14.91
CA MET A 56 6.14 4.71 15.93
C MET A 56 6.70 4.91 17.33
N LYS A 57 8.00 5.15 17.41
CA LYS A 57 8.64 5.40 18.70
C LYS A 57 9.97 6.10 18.49
N PRO A 58 10.03 7.39 18.83
CA PRO A 58 8.90 8.16 19.38
C PRO A 58 7.74 8.22 18.37
N ARG A 59 6.51 8.34 18.87
CA ARG A 59 5.37 8.39 17.96
C ARG A 59 5.34 9.70 17.18
N ALA A 60 5.18 9.59 15.87
CA ALA A 60 5.12 10.74 14.98
C ALA A 60 3.96 11.67 15.29
N ASP A 61 4.22 12.98 15.25
CA ASP A 61 3.18 13.95 15.51
C ASP A 61 1.98 13.74 14.58
N VAL A 62 0.81 14.10 15.09
CA VAL A 62 -0.42 14.01 14.32
C VAL A 62 -0.98 15.42 14.24
N ALA A 63 -0.83 16.05 13.09
CA ALA A 63 -1.33 17.41 12.94
C ALA A 63 -2.85 17.41 12.97
N PHE A 64 -3.45 16.41 12.35
CA PHE A 64 -4.90 16.29 12.33
C PHE A 64 -5.38 14.85 12.64
N HIS A 65 -6.06 14.73 13.78
CA HIS A 65 -6.61 13.47 14.27
C HIS A 65 -8.13 13.50 14.10
N PHE A 66 -8.64 12.79 13.10
CA PHE A 66 -10.09 12.71 12.80
C PHE A 66 -10.54 11.37 13.40
N ASN A 67 -11.20 11.43 14.55
CA ASN A 67 -11.60 10.22 15.27
C ASN A 67 -13.09 9.91 15.48
N PRO A 68 -13.73 9.23 14.53
CA PRO A 68 -15.15 8.94 14.77
C PRO A 68 -15.30 7.85 15.84
N ARG A 69 -16.19 8.08 16.82
CA ARG A 69 -16.44 7.12 17.90
C ARG A 69 -17.91 6.72 17.84
N PHE A 70 -18.20 5.44 18.09
CA PHE A 70 -19.56 4.96 17.98
C PHE A 70 -20.34 4.59 19.24
N LYS A 71 -19.71 4.63 20.41
CA LYS A 71 -20.45 4.30 21.62
C LYS A 71 -21.53 5.34 21.87
N ARG A 72 -22.67 4.89 22.39
CA ARG A 72 -23.80 5.76 22.70
C ARG A 72 -24.31 6.47 21.44
N ALA A 73 -24.63 7.75 21.55
CA ALA A 73 -25.12 8.51 20.40
C ALA A 73 -24.04 8.70 19.35
N GLY A 74 -22.78 8.59 19.76
CA GLY A 74 -21.67 8.74 18.84
C GLY A 74 -21.17 10.18 18.75
N CYS A 75 -20.02 10.36 18.12
CA CYS A 75 -19.40 11.67 17.95
C CYS A 75 -18.11 11.55 17.12
N ILE A 76 -17.43 12.68 16.95
CA ILE A 76 -16.17 12.72 16.23
C ILE A 76 -15.20 13.56 17.06
N VAL A 77 -14.11 12.94 17.49
CA VAL A 77 -13.11 13.64 18.26
C VAL A 77 -11.97 14.06 17.35
N CYS A 78 -11.60 15.34 17.41
CA CYS A 78 -10.51 15.86 16.62
C CYS A 78 -9.48 16.42 17.60
N ASN A 79 -8.20 16.19 17.30
CA ASN A 79 -7.15 16.66 18.19
C ASN A 79 -5.83 16.67 17.46
N THR A 80 -4.78 17.08 18.17
CA THR A 80 -3.44 17.13 17.63
C THR A 80 -2.48 16.54 18.64
N LEU A 81 -1.54 15.73 18.15
CA LEU A 81 -0.56 15.11 19.02
C LEU A 81 0.82 15.70 18.71
N ILE A 82 1.34 16.47 19.66
CA ILE A 82 2.65 17.09 19.52
C ILE A 82 3.56 16.49 20.59
N ASN A 83 4.72 16.00 20.16
CA ASN A 83 5.68 15.37 21.07
C ASN A 83 4.98 14.38 22.00
N GLU A 84 4.20 13.49 21.40
CA GLU A 84 3.47 12.45 22.09
C GLU A 84 2.50 12.90 23.18
N LYS A 85 1.96 14.10 23.03
CA LYS A 85 0.98 14.63 23.97
C LYS A 85 -0.24 15.19 23.22
N TRP A 86 -1.43 14.75 23.62
CA TRP A 86 -2.65 15.24 22.99
C TRP A 86 -3.01 16.62 23.52
N GLY A 87 -3.55 17.45 22.63
CA GLY A 87 -3.94 18.79 23.02
C GLY A 87 -5.41 18.78 23.43
N ARG A 88 -6.05 19.94 23.31
CA ARG A 88 -7.46 20.10 23.65
C ARG A 88 -8.36 19.47 22.59
N GLU A 89 -9.20 18.53 23.00
CA GLU A 89 -10.09 17.86 22.06
C GLU A 89 -11.17 18.81 21.56
N GLU A 90 -11.60 18.61 20.32
CA GLU A 90 -12.66 19.39 19.72
C GLU A 90 -13.67 18.34 19.30
N ILE A 91 -14.67 18.12 20.16
CA ILE A 91 -15.68 17.10 19.91
C ILE A 91 -16.89 17.60 19.12
N THR A 92 -17.18 16.91 18.02
CA THR A 92 -18.33 17.25 17.19
C THR A 92 -19.38 16.17 17.44
N TYR A 93 -20.57 16.58 17.88
CA TYR A 93 -21.64 15.64 18.19
C TYR A 93 -22.56 15.30 17.03
N ASP A 94 -22.62 16.18 16.04
CA ASP A 94 -23.44 15.94 14.87
C ASP A 94 -22.63 15.06 13.91
N THR A 95 -22.57 13.77 14.20
CA THR A 95 -21.80 12.83 13.38
C THR A 95 -22.65 12.05 12.39
N PRO A 96 -22.21 11.98 11.12
CA PRO A 96 -22.92 11.26 10.06
C PRO A 96 -22.54 9.78 9.96
N PHE A 97 -21.45 9.39 10.63
CA PHE A 97 -20.98 8.01 10.60
C PHE A 97 -21.86 7.03 11.35
N LYS A 98 -22.10 5.87 10.74
CA LYS A 98 -22.90 4.84 11.37
C LYS A 98 -22.36 3.46 11.07
N ARG A 99 -22.60 2.54 11.99
CA ARG A 99 -22.15 1.17 11.81
C ARG A 99 -22.91 0.56 10.63
N GLU A 100 -22.22 -0.22 9.82
CA GLU A 100 -22.81 -0.88 8.66
C GLU A 100 -23.21 0.08 7.53
N LYS A 101 -22.59 1.26 7.49
CA LYS A 101 -22.88 2.24 6.47
C LYS A 101 -21.61 2.71 5.75
N SER A 102 -21.69 2.91 4.44
CA SER A 102 -20.55 3.38 3.65
C SER A 102 -20.42 4.89 3.75
N PHE A 103 -19.25 5.41 3.38
CA PHE A 103 -19.01 6.83 3.49
C PHE A 103 -17.90 7.31 2.58
N GLU A 104 -17.90 8.61 2.28
CA GLU A 104 -16.86 9.25 1.50
C GLU A 104 -16.45 10.49 2.29
N ILE A 105 -15.19 10.54 2.69
CA ILE A 105 -14.70 11.68 3.44
C ILE A 105 -13.91 12.60 2.52
N VAL A 106 -14.26 13.88 2.54
CA VAL A 106 -13.53 14.83 1.74
C VAL A 106 -12.96 15.87 2.69
N ILE A 107 -11.64 15.91 2.76
CA ILE A 107 -10.95 16.84 3.62
C ILE A 107 -10.35 17.92 2.76
N MET A 108 -10.75 19.18 2.98
CA MET A 108 -10.20 20.30 2.22
C MET A 108 -9.12 20.93 3.07
N VAL A 109 -7.97 21.20 2.48
CA VAL A 109 -6.91 21.85 3.22
C VAL A 109 -6.95 23.33 2.85
N LEU A 110 -7.30 24.16 3.81
CA LEU A 110 -7.35 25.61 3.59
C LEU A 110 -6.15 26.21 4.30
N LYS A 111 -6.01 27.52 4.15
CA LYS A 111 -4.90 28.26 4.75
C LYS A 111 -4.80 28.12 6.26
N ASP A 112 -5.89 28.39 6.97
CA ASP A 112 -5.86 28.31 8.42
C ASP A 112 -6.57 27.10 9.03
N LYS A 113 -7.09 26.21 8.21
CA LYS A 113 -7.78 25.05 8.75
C LYS A 113 -8.13 23.97 7.75
N PHE A 114 -8.61 22.85 8.28
CA PHE A 114 -9.06 21.72 7.48
C PHE A 114 -10.57 21.87 7.51
N GLN A 115 -11.23 21.52 6.42
CA GLN A 115 -12.68 21.57 6.34
C GLN A 115 -13.05 20.17 5.87
N VAL A 116 -13.92 19.52 6.63
CA VAL A 116 -14.32 18.16 6.32
C VAL A 116 -15.81 17.99 6.01
N ALA A 117 -16.10 17.30 4.91
CA ALA A 117 -17.48 17.02 4.55
C ALA A 117 -17.59 15.52 4.35
N VAL A 118 -18.71 14.95 4.77
CA VAL A 118 -18.92 13.52 4.63
C VAL A 118 -20.19 13.24 3.84
N ASN A 119 -20.05 12.46 2.78
CA ASN A 119 -21.21 12.13 1.95
C ASN A 119 -21.84 13.39 1.35
N GLY A 120 -21.00 14.39 1.10
CA GLY A 120 -21.47 15.63 0.49
C GLY A 120 -22.01 16.68 1.44
N LYS A 121 -22.07 16.37 2.72
CA LYS A 121 -22.56 17.29 3.74
C LYS A 121 -21.45 17.79 4.68
N HIS A 122 -21.34 19.11 4.83
CA HIS A 122 -20.31 19.66 5.71
C HIS A 122 -20.41 19.00 7.06
N THR A 123 -19.26 18.67 7.65
CA THR A 123 -19.26 18.01 8.95
C THR A 123 -18.53 18.80 10.02
N LEU A 124 -17.32 19.29 9.72
CA LEU A 124 -16.61 20.03 10.74
C LEU A 124 -15.41 20.81 10.25
N LEU A 125 -14.92 21.68 11.12
CA LEU A 125 -13.74 22.49 10.83
C LEU A 125 -12.71 22.19 11.92
N TYR A 126 -11.44 22.40 11.61
CA TYR A 126 -10.38 22.18 12.57
C TYR A 126 -9.19 23.09 12.20
N GLY A 127 -8.95 24.11 13.01
CA GLY A 127 -7.87 25.02 12.73
C GLY A 127 -6.50 24.37 12.85
N HIS A 128 -5.59 24.73 11.95
CA HIS A 128 -4.24 24.16 12.00
C HIS A 128 -3.54 24.50 13.31
N ARG A 129 -2.92 23.51 13.92
CA ARG A 129 -2.19 23.71 15.17
C ARG A 129 -0.72 23.46 14.83
N ILE A 130 -0.51 22.81 13.69
CA ILE A 130 0.81 22.48 13.15
C ILE A 130 0.75 22.90 11.69
N GLY A 131 1.80 23.55 11.21
CA GLY A 131 1.81 23.95 9.81
C GLY A 131 1.50 22.75 8.95
N PRO A 132 0.43 22.81 8.14
CA PRO A 132 0.07 21.69 7.27
C PRO A 132 1.21 21.23 6.37
N GLU A 133 2.19 22.11 6.16
CA GLU A 133 3.33 21.79 5.31
C GLU A 133 4.21 20.71 5.95
N LYS A 134 4.02 20.45 7.24
CA LYS A 134 4.80 19.43 7.92
C LYS A 134 4.12 18.05 7.83
N ILE A 135 3.05 17.97 7.03
CA ILE A 135 2.31 16.72 6.88
C ILE A 135 2.77 15.96 5.64
N ASP A 136 3.30 14.76 5.84
CA ASP A 136 3.77 13.95 4.72
C ASP A 136 3.26 12.52 4.77
N THR A 137 2.63 12.15 5.87
CA THR A 137 2.11 10.80 6.03
C THR A 137 0.64 10.73 6.44
N LEU A 138 -0.09 9.79 5.84
CA LEU A 138 -1.48 9.59 6.18
C LEU A 138 -1.65 8.18 6.76
N GLY A 139 -2.32 8.10 7.91
CA GLY A 139 -2.52 6.82 8.54
C GLY A 139 -3.98 6.59 8.88
N ILE A 140 -4.44 5.35 8.71
CA ILE A 140 -5.82 5.00 9.04
C ILE A 140 -5.77 3.79 9.95
N TYR A 141 -6.31 3.95 11.16
CA TYR A 141 -6.32 2.88 12.16
C TYR A 141 -7.72 2.60 12.73
N GLY A 142 -7.87 1.51 13.45
CA GLY A 142 -9.15 1.19 14.04
C GLY A 142 -10.02 0.24 13.24
N LYS A 143 -11.29 0.14 13.61
CA LYS A 143 -12.23 -0.73 12.93
C LYS A 143 -12.97 0.01 11.83
N VAL A 144 -12.43 -0.10 10.62
CA VAL A 144 -13.02 0.55 9.46
C VAL A 144 -12.48 -0.14 8.20
N ASN A 145 -13.30 -0.17 7.15
CA ASN A 145 -12.90 -0.76 5.87
C ASN A 145 -12.70 0.41 4.92
N ILE A 146 -11.56 0.46 4.25
CA ILE A 146 -11.29 1.54 3.33
C ILE A 146 -11.30 1.04 1.90
N HIS A 147 -12.07 1.72 1.05
CA HIS A 147 -12.16 1.34 -0.34
C HIS A 147 -11.10 2.09 -1.12
N SER A 148 -10.86 3.33 -0.74
CA SER A 148 -9.85 4.13 -1.44
C SER A 148 -9.40 5.38 -0.72
N ILE A 149 -8.17 5.78 -1.04
CA ILE A 149 -7.53 6.96 -0.48
C ILE A 149 -6.91 7.69 -1.65
N GLY A 150 -7.29 8.94 -1.86
CA GLY A 150 -6.74 9.68 -2.98
C GLY A 150 -6.51 11.14 -2.66
N PHE A 151 -5.74 11.79 -3.53
CA PHE A 151 -5.42 13.19 -3.36
C PHE A 151 -5.68 13.99 -4.61
N SER A 152 -6.07 15.24 -4.41
CA SER A 152 -6.30 16.15 -5.51
C SER A 152 -5.45 17.35 -5.18
N PHE A 153 -4.30 17.47 -5.84
CA PHE A 153 -3.40 18.57 -5.59
C PHE A 153 -3.66 19.72 -6.56
N ASN B 7 -12.42 -8.22 -4.17
CA ASN B 7 -11.30 -7.96 -5.13
C ASN B 7 -9.95 -7.99 -4.42
N LEU B 8 -8.97 -7.31 -5.00
CA LEU B 8 -7.62 -7.26 -4.46
C LEU B 8 -7.41 -6.20 -3.38
N GLN B 9 -6.31 -6.35 -2.63
CA GLN B 9 -5.99 -5.44 -1.54
C GLN B 9 -4.73 -4.63 -1.81
N ASN B 10 -4.65 -3.45 -1.20
CA ASN B 10 -3.50 -2.53 -1.36
C ASN B 10 -3.05 -2.37 -2.81
N ILE B 11 -3.99 -2.15 -3.70
CA ILE B 11 -3.66 -1.98 -5.10
C ILE B 11 -3.11 -0.61 -5.39
N ILE B 12 -1.97 -0.56 -6.08
CA ILE B 12 -1.35 0.70 -6.46
C ILE B 12 -1.15 0.69 -7.97
N TYR B 13 -1.20 1.87 -8.59
CA TYR B 13 -1.05 1.99 -10.02
C TYR B 13 0.17 2.80 -10.42
N ASN B 14 0.80 2.38 -11.51
CA ASN B 14 1.98 3.02 -12.06
C ASN B 14 3.07 3.32 -11.03
N PRO B 15 3.51 2.28 -10.32
CA PRO B 15 4.57 2.49 -9.32
C PRO B 15 5.84 2.87 -10.07
N VAL B 16 6.70 3.65 -9.44
CA VAL B 16 7.94 4.03 -10.09
C VAL B 16 8.86 2.81 -10.14
N ILE B 17 9.63 2.70 -11.22
CA ILE B 17 10.55 1.58 -11.40
C ILE B 17 11.98 2.14 -11.44
N PRO B 18 12.91 1.53 -10.70
CA PRO B 18 12.72 0.35 -9.84
C PRO B 18 11.75 0.57 -8.69
N PHE B 19 11.12 -0.51 -8.25
CA PHE B 19 10.17 -0.45 -7.16
C PHE B 19 10.58 -1.30 -5.96
N VAL B 20 10.47 -0.72 -4.77
CA VAL B 20 10.79 -1.44 -3.54
C VAL B 20 9.74 -1.02 -2.51
N GLY B 21 8.85 -1.94 -2.17
CA GLY B 21 7.80 -1.64 -1.22
C GLY B 21 7.49 -2.74 -0.23
N THR B 22 6.89 -2.35 0.87
CA THR B 22 6.54 -3.29 1.93
C THR B 22 5.27 -4.08 1.60
N ILE B 23 5.33 -5.40 1.74
CA ILE B 23 4.14 -6.21 1.47
C ILE B 23 3.21 -5.98 2.66
N PRO B 24 1.95 -5.60 2.37
CA PRO B 24 0.87 -5.30 3.33
C PRO B 24 0.63 -6.28 4.46
N ASP B 25 0.85 -7.57 4.22
CA ASP B 25 0.64 -8.56 5.24
C ASP B 25 1.57 -9.73 5.01
N GLN B 26 1.54 -10.71 5.90
CA GLN B 26 2.39 -11.89 5.78
C GLN B 26 1.95 -12.82 4.66
N LEU B 27 2.92 -13.40 3.98
CA LEU B 27 2.62 -14.32 2.89
C LEU B 27 2.27 -15.70 3.41
N ASP B 28 1.07 -15.82 3.95
CA ASP B 28 0.58 -17.09 4.47
C ASP B 28 0.13 -17.94 3.29
N PRO B 29 -0.01 -19.25 3.50
CA PRO B 29 -0.45 -20.13 2.42
C PRO B 29 -1.75 -19.61 1.80
N GLY B 30 -1.80 -19.57 0.48
CA GLY B 30 -3.00 -19.09 -0.19
C GLY B 30 -2.94 -17.61 -0.55
N THR B 31 -1.86 -16.95 -0.15
CA THR B 31 -1.69 -15.53 -0.45
C THR B 31 -1.36 -15.33 -1.93
N LEU B 32 -1.88 -14.25 -2.51
CA LEU B 32 -1.61 -13.94 -3.91
C LEU B 32 -0.99 -12.55 -4.09
N ILE B 33 -0.05 -12.48 -5.03
CA ILE B 33 0.59 -11.23 -5.38
C ILE B 33 0.34 -11.09 -6.88
N VAL B 34 -0.36 -10.02 -7.26
CA VAL B 34 -0.70 -9.80 -8.66
C VAL B 34 -0.02 -8.58 -9.26
N ILE B 35 0.69 -8.80 -10.36
CA ILE B 35 1.42 -7.75 -11.03
C ILE B 35 1.08 -7.66 -12.52
N ARG B 36 0.56 -6.51 -12.93
CA ARG B 36 0.22 -6.29 -14.34
C ARG B 36 1.20 -5.28 -14.94
N GLY B 37 1.64 -5.55 -16.17
CA GLY B 37 2.56 -4.65 -16.83
C GLY B 37 2.89 -5.13 -18.23
N HIS B 38 3.93 -4.57 -18.84
CA HIS B 38 4.31 -5.02 -20.17
C HIS B 38 5.82 -4.92 -20.33
N VAL B 39 6.34 -5.65 -21.31
CA VAL B 39 7.78 -5.66 -21.56
C VAL B 39 8.16 -4.68 -22.66
N PRO B 40 9.09 -3.76 -22.37
CA PRO B 40 9.48 -2.81 -23.42
C PRO B 40 10.13 -3.59 -24.58
N SER B 41 10.22 -2.98 -25.76
CA SER B 41 10.79 -3.66 -26.92
C SER B 41 12.30 -3.84 -26.85
N ASP B 42 12.96 -3.00 -26.06
CA ASP B 42 14.41 -3.05 -25.89
C ASP B 42 14.79 -3.97 -24.73
N ALA B 43 13.83 -4.23 -23.87
CA ALA B 43 14.02 -5.07 -22.70
C ALA B 43 15.04 -6.20 -22.85
N ASP B 44 15.96 -6.25 -21.90
CA ASP B 44 16.99 -7.27 -21.86
C ASP B 44 16.57 -8.27 -20.78
N ARG B 45 15.97 -7.73 -19.72
CA ARG B 45 15.50 -8.51 -18.59
C ARG B 45 14.93 -7.59 -17.52
N PHE B 46 14.23 -8.19 -16.57
CA PHE B 46 13.66 -7.50 -15.43
C PHE B 46 13.45 -8.57 -14.38
N GLN B 47 13.15 -8.18 -13.16
CA GLN B 47 12.98 -9.18 -12.10
C GLN B 47 12.01 -8.76 -11.01
N VAL B 48 11.35 -9.77 -10.46
CA VAL B 48 10.42 -9.59 -9.37
C VAL B 48 11.04 -10.35 -8.21
N ASP B 49 11.47 -9.63 -7.18
CA ASP B 49 12.08 -10.27 -6.02
C ASP B 49 11.23 -10.15 -4.76
N LEU B 50 11.05 -11.27 -4.08
CA LEU B 50 10.31 -11.31 -2.83
C LEU B 50 11.45 -11.31 -1.83
N GLN B 51 11.63 -10.19 -1.16
CA GLN B 51 12.76 -10.04 -0.25
C GLN B 51 12.47 -10.04 1.24
N ASN B 52 13.54 -10.28 1.99
CA ASN B 52 13.50 -10.27 3.45
C ASN B 52 14.12 -8.92 3.80
N GLY B 53 13.35 -7.84 3.69
CA GLY B 53 13.87 -6.52 3.99
C GLY B 53 14.23 -5.80 2.71
N SER B 54 14.65 -4.55 2.83
CA SER B 54 15.02 -3.75 1.66
C SER B 54 16.44 -3.23 1.76
N SER B 55 17.25 -3.89 2.58
CA SER B 55 18.63 -3.50 2.76
C SER B 55 19.43 -3.63 1.46
N MET B 56 20.12 -2.56 1.08
CA MET B 56 20.93 -2.60 -0.12
C MET B 56 22.37 -2.86 0.26
N LYS B 57 22.72 -2.54 1.50
CA LYS B 57 24.08 -2.75 1.99
C LYS B 57 24.09 -3.14 3.46
N PRO B 58 24.18 -4.45 3.76
CA PRO B 58 24.28 -5.56 2.81
C PRO B 58 22.96 -5.82 2.05
N ARG B 59 23.05 -6.52 0.93
CA ARG B 59 21.86 -6.80 0.15
C ARG B 59 20.97 -7.77 0.90
N ALA B 60 19.70 -7.40 1.06
CA ALA B 60 18.73 -8.24 1.75
C ALA B 60 18.56 -9.55 1.00
N ASP B 61 18.26 -10.62 1.72
CA ASP B 61 18.07 -11.92 1.10
C ASP B 61 16.88 -11.86 0.12
N VAL B 62 16.96 -12.64 -0.95
CA VAL B 62 15.89 -12.70 -1.93
C VAL B 62 15.33 -14.10 -1.92
N ALA B 63 14.24 -14.30 -1.17
CA ALA B 63 13.62 -15.61 -1.05
C ALA B 63 13.18 -16.15 -2.40
N PHE B 64 12.74 -15.25 -3.28
CA PHE B 64 12.28 -15.67 -4.60
C PHE B 64 12.61 -14.67 -5.68
N HIS B 65 13.53 -15.08 -6.56
CA HIS B 65 13.98 -14.27 -7.67
C HIS B 65 13.26 -14.71 -8.95
N PHE B 66 12.29 -13.93 -9.42
CA PHE B 66 11.57 -14.24 -10.65
C PHE B 66 12.22 -13.38 -11.73
N ASN B 67 13.13 -13.98 -12.49
CA ASN B 67 13.87 -13.24 -13.49
C ASN B 67 13.62 -13.61 -14.96
N PRO B 68 12.75 -12.86 -15.64
CA PRO B 68 12.49 -13.15 -17.06
C PRO B 68 13.61 -12.55 -17.91
N ARG B 69 14.23 -13.36 -18.76
CA ARG B 69 15.30 -12.89 -19.64
C ARG B 69 14.80 -13.05 -21.07
N PHE B 70 15.27 -12.17 -21.96
CA PHE B 70 14.79 -12.20 -23.34
C PHE B 70 15.75 -12.53 -24.48
N LYS B 71 17.04 -12.31 -24.28
CA LYS B 71 18.00 -12.61 -25.33
C LYS B 71 17.76 -13.98 -25.96
N ARG B 72 17.72 -14.02 -27.28
CA ARG B 72 17.47 -15.24 -28.04
C ARG B 72 16.10 -15.85 -27.71
N ALA B 73 16.03 -17.17 -27.67
CA ALA B 73 14.78 -17.88 -27.38
C ALA B 73 14.07 -17.37 -26.13
N GLY B 74 14.85 -16.80 -25.20
CA GLY B 74 14.27 -16.28 -23.97
C GLY B 74 14.00 -17.34 -22.93
N CYS B 75 13.96 -16.93 -21.66
CA CYS B 75 13.71 -17.85 -20.57
C CYS B 75 13.35 -17.12 -19.28
N ILE B 76 13.01 -17.89 -18.25
CA ILE B 76 12.68 -17.34 -16.94
C ILE B 76 13.60 -18.02 -15.93
N VAL B 77 14.45 -17.22 -15.30
CA VAL B 77 15.37 -17.74 -14.30
C VAL B 77 14.79 -17.51 -12.90
N CYS B 78 14.86 -18.55 -12.07
CA CYS B 78 14.37 -18.46 -10.70
C CYS B 78 15.49 -18.89 -9.75
N ASN B 79 15.76 -18.09 -8.73
CA ASN B 79 16.82 -18.41 -7.78
C ASN B 79 16.54 -17.74 -6.45
N THR B 80 17.44 -17.96 -5.50
CA THR B 80 17.33 -17.39 -4.17
C THR B 80 18.65 -16.71 -3.81
N LEU B 81 18.57 -15.68 -2.99
CA LEU B 81 19.75 -14.94 -2.58
C LEU B 81 19.84 -14.96 -1.06
N ILE B 82 20.82 -15.68 -0.55
CA ILE B 82 21.03 -15.77 0.90
C ILE B 82 22.41 -15.20 1.22
N ASN B 83 22.45 -14.25 2.14
CA ASN B 83 23.70 -13.60 2.52
C ASN B 83 24.51 -13.19 1.30
N GLU B 84 23.84 -12.46 0.42
CA GLU B 84 24.44 -11.94 -0.81
C GLU B 84 25.03 -13.01 -1.72
N LYS B 85 24.73 -14.27 -1.45
CA LYS B 85 25.25 -15.36 -2.29
C LYS B 85 24.11 -16.05 -3.03
N TRP B 86 24.18 -16.03 -4.36
CA TRP B 86 23.17 -16.67 -5.20
C TRP B 86 23.24 -18.19 -5.10
N GLY B 87 22.08 -18.83 -5.16
CA GLY B 87 22.05 -20.28 -5.08
C GLY B 87 22.04 -20.90 -6.46
N ARG B 88 21.47 -22.09 -6.56
CA ARG B 88 21.38 -22.81 -7.82
C ARG B 88 20.18 -22.29 -8.60
N GLU B 89 20.39 -21.95 -9.86
CA GLU B 89 19.31 -21.43 -10.69
C GLU B 89 18.35 -22.54 -11.12
N GLU B 90 17.10 -22.16 -11.33
CA GLU B 90 16.07 -23.09 -11.77
C GLU B 90 15.42 -22.45 -12.99
N ILE B 91 16.04 -22.64 -14.14
CA ILE B 91 15.56 -22.06 -15.39
C ILE B 91 14.33 -22.73 -15.99
N THR B 92 13.45 -21.89 -16.52
CA THR B 92 12.22 -22.32 -17.17
C THR B 92 12.32 -21.80 -18.59
N TYR B 93 12.46 -22.72 -19.55
CA TYR B 93 12.59 -22.34 -20.95
C TYR B 93 11.27 -22.01 -21.63
N ASP B 94 10.16 -22.46 -21.04
CA ASP B 94 8.85 -22.15 -21.60
C ASP B 94 8.37 -20.86 -20.94
N THR B 95 8.78 -19.73 -21.50
CA THR B 95 8.43 -18.41 -20.99
C THR B 95 7.31 -17.74 -21.77
N PRO B 96 6.29 -17.22 -21.07
CA PRO B 96 5.16 -16.55 -21.71
C PRO B 96 5.42 -15.07 -21.98
N PHE B 97 6.51 -14.55 -21.44
CA PHE B 97 6.88 -13.14 -21.62
C PHE B 97 7.46 -12.91 -23.00
N LYS B 98 7.28 -11.70 -23.51
CA LYS B 98 7.78 -11.36 -24.83
C LYS B 98 7.76 -9.84 -25.02
N ARG B 99 8.88 -9.30 -25.47
CA ARG B 99 9.01 -7.87 -25.71
C ARG B 99 7.81 -7.33 -26.46
N GLU B 100 7.33 -6.17 -26.03
CA GLU B 100 6.17 -5.52 -26.63
C GLU B 100 4.86 -6.20 -26.27
N LYS B 101 4.86 -7.01 -25.22
CA LYS B 101 3.63 -7.70 -24.82
C LYS B 101 3.29 -7.49 -23.34
N SER B 102 2.00 -7.32 -23.06
CA SER B 102 1.52 -7.12 -21.70
C SER B 102 1.36 -8.46 -20.99
N PHE B 103 1.39 -8.41 -19.67
CA PHE B 103 1.26 -9.62 -18.87
C PHE B 103 0.60 -9.37 -17.53
N GLU B 104 0.14 -10.45 -16.93
CA GLU B 104 -0.46 -10.40 -15.60
C GLU B 104 0.10 -11.57 -14.81
N ILE B 105 1.05 -11.29 -13.93
CA ILE B 105 1.68 -12.33 -13.12
C ILE B 105 0.88 -12.54 -11.84
N VAL B 106 0.67 -13.79 -11.48
CA VAL B 106 -0.04 -14.13 -10.27
C VAL B 106 0.80 -15.10 -9.47
N ILE B 107 1.38 -14.63 -8.38
CA ILE B 107 2.18 -15.49 -7.56
C ILE B 107 1.30 -15.93 -6.42
N MET B 108 1.13 -17.25 -6.30
CA MET B 108 0.33 -17.81 -5.22
C MET B 108 1.31 -18.46 -4.26
N VAL B 109 1.22 -18.11 -3.00
CA VAL B 109 2.10 -18.67 -2.00
C VAL B 109 1.48 -19.93 -1.43
N LEU B 110 2.23 -21.03 -1.48
CA LEU B 110 1.75 -22.28 -0.92
C LEU B 110 2.61 -22.59 0.29
N LYS B 111 2.21 -23.60 1.06
CA LYS B 111 2.96 -23.96 2.24
C LYS B 111 4.38 -24.43 1.94
N ASP B 112 4.60 -25.00 0.75
CA ASP B 112 5.92 -25.50 0.40
C ASP B 112 6.57 -24.97 -0.87
N LYS B 113 5.87 -24.12 -1.62
CA LYS B 113 6.40 -23.57 -2.85
C LYS B 113 5.58 -22.39 -3.34
N PHE B 114 6.01 -21.82 -4.47
CA PHE B 114 5.34 -20.72 -5.13
C PHE B 114 4.78 -21.27 -6.44
N GLN B 115 3.53 -20.94 -6.74
CA GLN B 115 2.93 -21.37 -8.00
C GLN B 115 2.70 -20.07 -8.77
N VAL B 116 3.30 -19.96 -9.94
CA VAL B 116 3.20 -18.76 -10.75
C VAL B 116 2.44 -18.91 -12.06
N ALA B 117 1.37 -18.14 -12.21
CA ALA B 117 0.58 -18.18 -13.44
C ALA B 117 0.64 -16.83 -14.15
N VAL B 118 0.73 -16.87 -15.47
CA VAL B 118 0.80 -15.67 -16.29
C VAL B 118 -0.38 -15.67 -17.27
N ASN B 119 -1.10 -14.55 -17.33
CA ASN B 119 -2.25 -14.43 -18.20
C ASN B 119 -3.19 -15.60 -17.97
N GLY B 120 -3.28 -16.01 -16.71
CA GLY B 120 -4.16 -17.10 -16.33
C GLY B 120 -3.72 -18.52 -16.66
N LYS B 121 -2.47 -18.69 -17.07
CA LYS B 121 -1.99 -20.03 -17.41
C LYS B 121 -0.75 -20.36 -16.60
N HIS B 122 -0.75 -21.52 -15.94
CA HIS B 122 0.39 -21.95 -15.12
C HIS B 122 1.69 -21.73 -15.87
N THR B 123 2.71 -21.26 -15.17
CA THR B 123 4.00 -21.00 -15.79
C THR B 123 5.13 -21.81 -15.18
N LEU B 124 5.23 -21.78 -13.86
CA LEU B 124 6.28 -22.53 -13.20
C LEU B 124 6.02 -22.68 -11.71
N LEU B 125 6.80 -23.54 -11.08
CA LEU B 125 6.71 -23.81 -9.64
C LEU B 125 8.10 -23.57 -9.07
N TYR B 126 8.17 -23.20 -7.79
CA TYR B 126 9.45 -22.95 -7.14
C TYR B 126 9.34 -23.25 -5.65
N GLY B 127 10.05 -24.30 -5.22
CA GLY B 127 10.03 -24.68 -3.83
C GLY B 127 10.73 -23.66 -2.96
N HIS B 128 10.20 -23.45 -1.76
CA HIS B 128 10.78 -22.49 -0.84
C HIS B 128 12.19 -22.87 -0.43
N ARG B 129 13.02 -21.85 -0.20
CA ARG B 129 14.40 -22.04 0.25
C ARG B 129 14.50 -21.28 1.54
N ILE B 130 13.70 -20.23 1.65
CA ILE B 130 13.62 -19.42 2.84
C ILE B 130 12.14 -19.44 3.20
N GLY B 131 11.82 -19.54 4.48
CA GLY B 131 10.43 -19.58 4.91
C GLY B 131 9.69 -18.35 4.42
N PRO B 132 8.59 -18.54 3.67
CA PRO B 132 7.83 -17.39 3.17
C PRO B 132 7.43 -16.37 4.24
N GLU B 133 7.38 -16.79 5.50
CA GLU B 133 6.99 -15.85 6.56
C GLU B 133 8.05 -14.77 6.79
N LYS B 134 9.25 -14.97 6.25
CA LYS B 134 10.30 -14.00 6.42
C LYS B 134 10.29 -12.93 5.33
N ILE B 135 9.44 -13.12 4.34
CA ILE B 135 9.32 -12.16 3.25
C ILE B 135 8.45 -10.98 3.68
N ASP B 136 8.93 -9.77 3.44
CA ASP B 136 8.17 -8.59 3.82
C ASP B 136 8.29 -7.47 2.79
N THR B 137 9.08 -7.71 1.75
CA THR B 137 9.30 -6.67 0.75
C THR B 137 9.23 -7.17 -0.70
N LEU B 138 8.67 -6.33 -1.56
CA LEU B 138 8.52 -6.62 -2.97
C LEU B 138 9.44 -5.73 -3.79
N GLY B 139 10.39 -6.35 -4.48
CA GLY B 139 11.29 -5.57 -5.31
C GLY B 139 11.03 -5.86 -6.76
N ILE B 140 10.99 -4.81 -7.59
CA ILE B 140 10.81 -4.97 -9.02
C ILE B 140 11.84 -4.10 -9.70
N TYR B 141 12.74 -4.73 -10.46
CA TYR B 141 13.81 -4.00 -11.11
C TYR B 141 13.95 -4.35 -12.58
N GLY B 142 14.77 -3.57 -13.28
CA GLY B 142 15.04 -3.85 -14.67
C GLY B 142 14.15 -3.16 -15.69
N LYS B 143 14.18 -3.67 -16.91
CA LYS B 143 13.41 -3.10 -18.01
C LYS B 143 12.01 -3.68 -18.05
N VAL B 144 11.07 -2.97 -17.45
CA VAL B 144 9.67 -3.40 -17.41
C VAL B 144 8.81 -2.22 -17.00
N ASN B 145 7.56 -2.22 -17.46
CA ASN B 145 6.64 -1.16 -17.12
C ASN B 145 5.55 -1.83 -16.30
N ILE B 146 5.34 -1.36 -15.08
CA ILE B 146 4.32 -1.96 -14.22
C ILE B 146 3.05 -1.12 -14.20
N HIS B 147 1.95 -1.71 -14.65
CA HIS B 147 0.68 -1.01 -14.67
C HIS B 147 0.04 -1.05 -13.27
N SER B 148 0.13 -2.19 -12.60
CA SER B 148 -0.47 -2.30 -11.28
C SER B 148 0.13 -3.41 -10.41
N ILE B 149 -0.09 -3.30 -9.10
CA ILE B 149 0.39 -4.28 -8.13
C ILE B 149 -0.74 -4.45 -7.11
N GLY B 150 -1.17 -5.68 -6.89
CA GLY B 150 -2.23 -5.95 -5.92
C GLY B 150 -1.91 -7.18 -5.08
N PHE B 151 -2.65 -7.37 -3.98
CA PHE B 151 -2.42 -8.52 -3.10
C PHE B 151 -3.73 -9.16 -2.69
N SER B 152 -3.65 -10.41 -2.25
CA SER B 152 -4.85 -11.13 -1.81
C SER B 152 -4.46 -12.02 -0.62
N PHE B 153 -4.93 -11.63 0.57
CA PHE B 153 -4.62 -12.39 1.78
C PHE B 153 -5.79 -13.23 2.29
#